data_2CFI
#
_entry.id   2CFI
#
_cell.length_a   108.140
_cell.length_b   64.440
_cell.length_c   58.870
_cell.angle_alpha   90.00
_cell.angle_beta   98.79
_cell.angle_gamma   90.00
#
_symmetry.space_group_name_H-M   'C 1 2 1'
#
loop_
_entity.id
_entity.type
_entity.pdbx_description
1 polymer '10-FORMYLTETRAHYDROFOLATE DEHYDROGENASE'
2 non-polymer 'SULFATE ION'
3 non-polymer 6-FORMYLTETRAHYDROPTERIN
4 water water
#
_entity_poly.entity_id   1
_entity_poly.type   'polypeptide(L)'
_entity_poly.pdbx_seq_one_letter_code
;MHHHHHHSSGVDLGTENLYFQSMKIAVIGQSLFGQEVYCHLRKEGHEVVGVFTVPDKDGKADPLGLEAEKDGVPVFKYSR
WRAKGQALPDVVAKYQALGAELNVLPFCSQFIPMEIISAPRHGSIIYHPSLLPRHRGASAINWTLIHGDKKGGFSIFWAD
DGLDTGDLLLQKECEVLPDDTVSTLYNRFLFPEGIKGMVQAVRLIAEGKAPRLPQPEEGATYEGIQKKETAKINWDQPAE
AIHNWIRGNDKVPGAWTEACEQKLTFFNSTLNTSGLVPEGDALPIPGAHRPGVVTKAGLILFGNDDKMLLVKNIQLEDGK
MILASNFFK
;
_entity_poly.pdbx_strand_id   A
#
# COMPACT_ATOMS: atom_id res chain seq x y z
N PHE A 20 14.57 -20.82 -20.90
CA PHE A 20 13.36 -19.94 -20.97
C PHE A 20 12.07 -20.70 -21.32
N GLN A 21 10.94 -20.03 -21.08
CA GLN A 21 9.62 -20.45 -21.55
C GLN A 21 8.68 -19.21 -21.53
N SER A 22 8.07 -18.89 -22.66
CA SER A 22 7.00 -17.87 -22.74
C SER A 22 5.77 -18.43 -22.02
N MET A 23 5.17 -17.68 -21.12
CA MET A 23 4.10 -18.18 -20.26
C MET A 23 2.79 -17.43 -20.45
N LYS A 24 1.68 -18.13 -20.24
CA LYS A 24 0.36 -17.56 -20.25
C LYS A 24 0.11 -17.11 -18.81
N ILE A 25 -0.07 -15.81 -18.61
CA ILE A 25 -0.18 -15.24 -17.30
C ILE A 25 -1.49 -14.52 -17.08
N ALA A 26 -2.10 -14.77 -15.92
CA ALA A 26 -3.23 -14.03 -15.46
C ALA A 26 -2.73 -12.97 -14.47
N VAL A 27 -3.06 -11.70 -14.74
CA VAL A 27 -2.70 -10.61 -13.86
C VAL A 27 -3.89 -10.18 -13.01
N ILE A 28 -3.72 -10.22 -11.68
CA ILE A 28 -4.79 -9.85 -10.76
C ILE A 28 -4.27 -8.72 -9.91
N GLY A 29 -4.74 -7.51 -10.19
CA GLY A 29 -4.31 -6.35 -9.40
C GLY A 29 -4.89 -5.05 -9.86
N GLN A 30 -4.19 -3.96 -9.60
CA GLN A 30 -4.67 -2.62 -9.90
C GLN A 30 -3.52 -1.60 -9.92
N SER A 31 -3.86 -0.39 -10.34
CA SER A 31 -3.04 0.81 -10.16
C SER A 31 -1.96 0.88 -11.19
N LEU A 32 -1.20 1.97 -11.14
CA LEU A 32 -0.08 2.14 -12.06
C LEU A 32 0.93 1.01 -11.86
N PHE A 33 1.07 0.55 -10.62
CA PHE A 33 1.98 -0.58 -10.31
C PHE A 33 1.58 -1.80 -11.15
N GLY A 34 0.31 -2.21 -11.04
CA GLY A 34 -0.25 -3.30 -11.89
C GLY A 34 -0.09 -3.05 -13.37
N GLN A 35 -0.36 -1.83 -13.84
CA GLN A 35 -0.16 -1.48 -15.23
C GLN A 35 1.27 -1.74 -15.68
N GLU A 36 2.24 -1.30 -14.87
CA GLU A 36 3.63 -1.43 -15.27
C GLU A 36 4.08 -2.88 -15.31
N VAL A 37 3.63 -3.65 -14.34
CA VAL A 37 4.00 -5.07 -14.33
C VAL A 37 3.43 -5.71 -15.62
N TYR A 38 2.16 -5.40 -15.91
CA TYR A 38 1.50 -5.89 -17.11
C TYR A 38 2.29 -5.53 -18.37
N CYS A 39 2.65 -4.26 -18.54
CA CYS A 39 3.46 -3.87 -19.71
C CYS A 39 4.80 -4.61 -19.86
N HIS A 40 5.52 -4.75 -18.75
CA HIS A 40 6.79 -5.47 -18.76
C HIS A 40 6.63 -6.95 -19.08
N LEU A 41 5.60 -7.59 -18.56
CA LEU A 41 5.43 -9.01 -18.86
C LEU A 41 5.25 -9.20 -20.33
N ARG A 42 4.45 -8.36 -20.96
CA ARG A 42 4.24 -8.44 -22.39
C ARG A 42 5.54 -8.15 -23.15
N LYS A 43 6.28 -7.14 -22.72
CA LYS A 43 7.56 -6.79 -23.37
C LYS A 43 8.55 -7.95 -23.37
N GLU A 44 8.44 -8.80 -22.34
CA GLU A 44 9.35 -9.93 -22.16
C GLU A 44 8.93 -11.15 -22.98
N GLY A 45 7.80 -11.07 -23.65
CA GLY A 45 7.30 -12.13 -24.50
C GLY A 45 6.24 -13.02 -23.89
N HIS A 46 5.79 -12.73 -22.69
CA HIS A 46 4.73 -13.56 -22.10
C HIS A 46 3.39 -13.11 -22.62
N GLU A 47 2.43 -14.02 -22.64
CA GLU A 47 1.06 -13.64 -23.06
C GLU A 47 0.24 -13.38 -21.80
N VAL A 48 -0.23 -12.14 -21.64
CA VAL A 48 -1.18 -11.88 -20.55
C VAL A 48 -2.57 -12.31 -21.07
N VAL A 49 -3.02 -13.45 -20.57
CA VAL A 49 -4.28 -14.03 -21.05
C VAL A 49 -5.56 -13.35 -20.49
N GLY A 50 -5.39 -12.65 -19.39
CA GLY A 50 -6.45 -11.86 -18.77
C GLY A 50 -6.01 -11.03 -17.60
N VAL A 51 -6.79 -9.99 -17.31
CA VAL A 51 -6.61 -9.08 -16.23
C VAL A 51 -7.86 -9.03 -15.39
N PHE A 52 -7.69 -9.16 -14.07
CA PHE A 52 -8.80 -8.99 -13.12
C PHE A 52 -8.45 -7.80 -12.26
N THR A 53 -9.30 -6.78 -12.28
CA THR A 53 -9.01 -5.54 -11.56
C THR A 53 -10.23 -5.02 -10.82
N VAL A 54 -10.17 -3.75 -10.42
CA VAL A 54 -11.18 -3.16 -9.54
C VAL A 54 -12.21 -2.40 -10.41
N PRO A 55 -13.44 -2.21 -9.91
CA PRO A 55 -14.31 -1.37 -10.73
C PRO A 55 -13.93 0.10 -10.65
N ASP A 56 -14.56 0.89 -11.52
CA ASP A 56 -14.71 2.33 -11.28
C ASP A 56 -15.88 2.32 -10.28
N LYS A 57 -15.95 3.11 -9.20
CA LYS A 57 -15.27 4.38 -8.88
C LYS A 57 -14.37 5.10 -9.90
N ASP A 58 -14.63 6.37 -10.24
CA ASP A 58 -15.87 7.17 -10.00
C ASP A 58 -15.62 8.60 -10.54
N GLY A 59 -15.74 8.84 -11.85
CA GLY A 59 -15.89 7.82 -12.89
C GLY A 59 -14.56 7.50 -13.60
N LYS A 60 -13.48 7.53 -12.82
CA LYS A 60 -12.14 7.09 -13.23
C LYS A 60 -12.00 5.55 -13.33
N ALA A 61 -11.50 5.06 -14.47
CA ALA A 61 -11.23 3.62 -14.63
C ALA A 61 -9.82 3.31 -14.13
N ASP A 62 -9.63 2.09 -13.64
CA ASP A 62 -8.30 1.65 -13.25
C ASP A 62 -7.36 1.62 -14.45
N PRO A 63 -6.12 2.15 -14.29
CA PRO A 63 -5.22 2.26 -15.46
C PRO A 63 -4.68 0.91 -16.01
N LEU A 64 -4.66 -0.12 -15.18
CA LEU A 64 -4.27 -1.49 -15.61
C LEU A 64 -5.35 -2.02 -16.54
N GLY A 65 -6.61 -1.87 -16.11
CA GLY A 65 -7.77 -2.26 -16.93
C GLY A 65 -7.84 -1.48 -18.23
N LEU A 66 -7.62 -0.17 -18.15
CA LEU A 66 -7.65 0.63 -19.38
C LEU A 66 -6.54 0.22 -20.35
N GLU A 67 -5.37 -0.14 -19.84
CA GLU A 67 -4.24 -0.47 -20.70
C GLU A 67 -4.47 -1.83 -21.39
N ALA A 68 -4.97 -2.78 -20.60
CA ALA A 68 -5.32 -4.10 -21.11
C ALA A 68 -6.44 -4.04 -22.17
N GLU A 69 -7.42 -3.17 -21.93
CA GLU A 69 -8.50 -2.96 -22.90
C GLU A 69 -8.00 -2.42 -24.25
N LYS A 70 -7.01 -1.52 -24.20
CA LYS A 70 -6.34 -0.97 -25.40
C LYS A 70 -5.72 -2.07 -26.25
N ASP A 71 -5.17 -3.07 -25.59
CA ASP A 71 -4.46 -4.18 -26.22
C ASP A 71 -5.34 -5.37 -26.57
N GLY A 72 -6.62 -5.29 -26.20
CA GLY A 72 -7.59 -6.34 -26.48
C GLY A 72 -7.47 -7.56 -25.55
N VAL A 73 -6.80 -7.38 -24.43
CA VAL A 73 -6.64 -8.43 -23.40
C VAL A 73 -7.91 -8.45 -22.55
N PRO A 74 -8.49 -9.65 -22.28
CA PRO A 74 -9.70 -9.74 -21.45
C PRO A 74 -9.54 -9.02 -20.12
N VAL A 75 -10.49 -8.16 -19.82
CA VAL A 75 -10.49 -7.44 -18.56
C VAL A 75 -11.79 -7.73 -17.82
N PHE A 76 -11.65 -8.05 -16.54
CA PHE A 76 -12.78 -8.37 -15.68
C PHE A 76 -12.69 -7.57 -14.38
N LYS A 77 -13.82 -7.06 -13.90
CA LYS A 77 -13.83 -6.13 -12.77
C LYS A 77 -14.65 -6.61 -11.54
N TYR A 78 -13.97 -6.73 -10.40
CA TYR A 78 -14.58 -7.16 -9.11
C TYR A 78 -14.01 -6.26 -7.97
N SER A 79 -14.66 -6.10 -6.81
CA SER A 79 -15.41 -7.12 -6.07
C SER A 79 -16.81 -6.69 -5.61
N ARG A 80 -17.64 -7.64 -5.16
CA ARG A 80 -17.62 -9.09 -5.49
C ARG A 80 -16.37 -9.99 -5.12
N TRP A 81 -15.96 -10.89 -6.03
CA TRP A 81 -15.03 -12.03 -5.75
C TRP A 81 -15.67 -13.24 -5.03
N ARG A 82 -16.55 -12.98 -4.07
CA ARG A 82 -17.16 -14.04 -3.25
C ARG A 82 -18.66 -13.86 -3.06
N ALA A 83 -19.34 -14.98 -2.83
CA ALA A 83 -20.74 -14.99 -2.36
C ALA A 83 -21.06 -16.37 -1.75
N LYS A 84 -21.90 -16.37 -0.71
CA LYS A 84 -22.20 -17.56 0.12
C LYS A 84 -21.02 -18.54 0.31
N GLY A 85 -19.93 -18.02 0.86
CA GLY A 85 -18.77 -18.82 1.24
C GLY A 85 -17.73 -18.97 0.14
N GLN A 86 -18.21 -19.36 -1.04
CA GLN A 86 -17.31 -19.70 -2.14
C GLN A 86 -17.06 -18.52 -3.05
N ALA A 87 -16.16 -18.72 -4.02
CA ALA A 87 -15.93 -17.79 -5.10
C ALA A 87 -17.11 -17.83 -6.08
N LEU A 88 -17.58 -16.65 -6.47
CA LEU A 88 -18.64 -16.52 -7.46
C LEU A 88 -18.38 -17.48 -8.62
N PRO A 89 -19.42 -18.22 -9.04
CA PRO A 89 -19.20 -19.14 -10.17
C PRO A 89 -18.83 -18.40 -11.47
N ASP A 90 -19.30 -17.15 -11.60
CA ASP A 90 -19.02 -16.33 -12.79
C ASP A 90 -17.55 -15.99 -12.95
N VAL A 91 -16.98 -15.35 -11.94
CA VAL A 91 -15.57 -14.98 -11.96
C VAL A 91 -14.66 -16.20 -12.23
N VAL A 92 -14.97 -17.33 -11.60
CA VAL A 92 -14.17 -18.53 -11.80
C VAL A 92 -14.23 -19.00 -13.24
N ALA A 93 -15.45 -19.01 -13.80
CA ALA A 93 -15.67 -19.39 -15.20
C ALA A 93 -14.76 -18.55 -16.10
N LYS A 94 -14.98 -17.22 -16.02
CA LYS A 94 -14.18 -16.31 -16.82
C LYS A 94 -12.67 -16.62 -16.68
N TYR A 95 -12.23 -16.89 -15.46
CA TYR A 95 -10.81 -17.25 -15.24
C TYR A 95 -10.34 -18.54 -15.91
N GLN A 96 -11.14 -19.60 -15.82
CA GLN A 96 -10.73 -20.91 -16.33
C GLN A 96 -10.59 -20.95 -17.86
N ALA A 97 -11.44 -20.19 -18.56
CA ALA A 97 -11.37 -20.09 -20.01
C ALA A 97 -10.01 -19.59 -20.51
N LEU A 98 -9.32 -18.83 -19.66
CA LEU A 98 -8.06 -18.17 -20.02
C LEU A 98 -6.84 -19.12 -20.17
N GLY A 99 -6.85 -20.25 -19.46
CA GLY A 99 -5.77 -21.23 -19.52
C GLY A 99 -4.46 -20.70 -18.98
N ALA A 100 -4.52 -19.86 -17.95
CA ALA A 100 -3.32 -19.28 -17.36
C ALA A 100 -2.40 -20.35 -16.76
N GLU A 101 -1.10 -20.19 -17.01
CA GLU A 101 -0.04 -21.07 -16.45
C GLU A 101 0.63 -20.51 -15.19
N LEU A 102 0.45 -19.20 -15.00
CA LEU A 102 0.91 -18.54 -13.79
C LEU A 102 -0.03 -17.37 -13.51
N ASN A 103 -0.30 -17.11 -12.23
CA ASN A 103 -0.97 -15.88 -11.77
C ASN A 103 0.05 -14.92 -11.16
N VAL A 104 -0.03 -13.67 -11.58
CA VAL A 104 0.81 -12.62 -11.01
C VAL A 104 -0.14 -11.62 -10.35
N LEU A 105 0.09 -11.36 -9.08
CA LEU A 105 -0.73 -10.44 -8.27
C LEU A 105 0.06 -9.21 -7.87
N PRO A 106 0.02 -8.17 -8.72
CA PRO A 106 0.86 -7.03 -8.34
C PRO A 106 0.27 -6.11 -7.23
N PHE A 107 -1.02 -6.17 -6.96
CA PHE A 107 -1.59 -5.37 -5.85
CA PHE A 107 -1.64 -5.26 -5.99
C PHE A 107 -3.01 -5.79 -5.52
N CYS A 108 -3.21 -7.11 -5.46
CA CYS A 108 -4.47 -7.56 -4.90
C CYS A 108 -4.79 -7.18 -3.43
N SER A 109 -5.97 -7.61 -3.00
CA SER A 109 -6.57 -7.08 -1.79
C SER A 109 -7.13 -8.23 -0.97
N GLN A 110 -8.26 -8.77 -1.42
CA GLN A 110 -8.95 -9.82 -0.67
C GLN A 110 -8.33 -11.18 -0.96
N PHE A 111 -8.60 -12.14 -0.09
CA PHE A 111 -8.17 -13.50 -0.30
C PHE A 111 -8.72 -13.92 -1.67
N ILE A 112 -7.86 -14.53 -2.48
CA ILE A 112 -8.27 -15.04 -3.76
C ILE A 112 -8.42 -16.52 -3.52
N PRO A 113 -9.61 -17.06 -3.81
CA PRO A 113 -9.87 -18.47 -3.54
C PRO A 113 -8.79 -19.38 -4.10
N MET A 114 -8.51 -20.47 -3.39
CA MET A 114 -7.46 -21.38 -3.79
C MET A 114 -7.79 -22.11 -5.08
N GLU A 115 -9.05 -22.14 -5.51
CA GLU A 115 -9.39 -22.75 -6.80
C GLU A 115 -8.76 -21.93 -7.93
N ILE A 116 -8.66 -20.62 -7.74
CA ILE A 116 -7.98 -19.72 -8.67
C ILE A 116 -6.47 -19.66 -8.38
N ILE A 117 -6.10 -19.31 -7.16
CA ILE A 117 -4.68 -19.27 -6.73
C ILE A 117 -3.93 -20.56 -7.07
N SER A 118 -4.56 -21.72 -6.88
CA SER A 118 -3.86 -22.98 -7.09
C SER A 118 -4.06 -23.62 -8.47
N ALA A 119 -4.89 -23.02 -9.33
CA ALA A 119 -5.18 -23.59 -10.65
C ALA A 119 -3.98 -23.67 -11.59
N PRO A 120 -3.17 -22.59 -11.68
CA PRO A 120 -2.09 -22.59 -12.67
C PRO A 120 -0.99 -23.58 -12.37
N ARG A 121 -0.40 -24.15 -13.43
CA ARG A 121 0.76 -25.04 -13.33
C ARG A 121 1.83 -24.47 -12.41
N HIS A 122 2.18 -23.20 -12.61
CA HIS A 122 3.25 -22.56 -11.84
C HIS A 122 2.80 -21.86 -10.55
N GLY A 123 1.52 -21.96 -10.21
CA GLY A 123 1.01 -21.32 -9.02
C GLY A 123 0.85 -19.80 -9.19
N SER A 124 0.86 -19.09 -8.07
CA SER A 124 0.60 -17.65 -8.05
C SER A 124 1.69 -16.96 -7.24
N ILE A 125 2.21 -15.85 -7.78
CA ILE A 125 3.12 -15.01 -7.05
C ILE A 125 2.50 -13.65 -6.77
N ILE A 126 2.84 -13.13 -5.59
CA ILE A 126 2.23 -11.93 -5.03
C ILE A 126 3.27 -10.93 -4.58
N TYR A 127 3.04 -9.66 -4.94
CA TYR A 127 3.88 -8.57 -4.45
C TYR A 127 3.33 -8.10 -3.11
N HIS A 128 4.20 -7.89 -2.14
CA HIS A 128 3.77 -7.43 -0.83
C HIS A 128 4.77 -6.39 -0.34
N PRO A 129 4.30 -5.15 -0.06
CA PRO A 129 5.22 -4.07 0.26
C PRO A 129 5.73 -4.00 1.72
N SER A 130 6.13 -5.14 2.28
CA SER A 130 6.87 -5.15 3.51
C SER A 130 7.82 -6.32 3.51
N LEU A 131 8.71 -6.31 4.50
CA LEU A 131 9.67 -7.37 4.73
C LEU A 131 9.04 -8.52 5.53
N LEU A 132 8.32 -9.37 4.81
CA LEU A 132 7.67 -10.55 5.33
C LEU A 132 8.68 -11.40 6.09
N PRO A 133 8.31 -11.89 7.28
CA PRO A 133 6.99 -11.95 7.88
C PRO A 133 6.46 -10.72 8.62
N ARG A 134 7.16 -9.58 8.59
CA ARG A 134 6.67 -8.39 9.19
C ARG A 134 5.51 -7.86 8.34
N HIS A 135 4.48 -7.38 9.01
CA HIS A 135 3.38 -6.65 8.41
C HIS A 135 2.63 -7.43 7.34
N ARG A 136 2.45 -8.70 7.58
CA ARG A 136 1.46 -9.49 6.84
C ARG A 136 0.12 -8.75 6.86
N GLY A 137 -0.65 -8.89 5.79
CA GLY A 137 -1.92 -8.20 5.67
C GLY A 137 -1.86 -6.88 4.89
N ALA A 138 -3.02 -6.27 4.73
CA ALA A 138 -3.18 -5.07 3.94
C ALA A 138 -2.52 -3.83 4.55
N SER A 139 -2.33 -2.83 3.69
CA SER A 139 -1.78 -1.52 4.07
C SER A 139 -0.43 -1.65 4.77
N ALA A 140 0.41 -2.57 4.31
CA ALA A 140 1.68 -2.88 4.99
C ALA A 140 2.65 -1.71 5.05
N ILE A 141 2.55 -0.81 4.08
CA ILE A 141 3.46 0.33 4.09
C ILE A 141 3.03 1.27 5.23
N ASN A 142 1.73 1.44 5.40
CA ASN A 142 1.24 2.25 6.54
C ASN A 142 1.80 1.71 7.85
N TRP A 143 1.67 0.39 8.04
CA TRP A 143 2.02 -0.21 9.32
C TRP A 143 3.54 -0.21 9.57
N THR A 144 4.31 -0.33 8.50
CA THR A 144 5.77 -0.13 8.55
C THR A 144 6.16 1.19 9.26
N LEU A 145 5.55 2.26 8.80
CA LEU A 145 5.85 3.63 9.28
C LEU A 145 5.15 3.99 10.56
N ILE A 146 3.92 3.54 10.76
CA ILE A 146 3.20 3.72 12.04
C ILE A 146 4.02 3.23 13.22
N HIS A 147 4.75 2.14 13.01
CA HIS A 147 5.65 1.56 14.03
C HIS A 147 7.09 2.08 14.08
N GLY A 148 7.41 3.06 13.23
CA GLY A 148 8.74 3.66 13.12
C GLY A 148 9.85 2.66 12.80
N ASP A 149 9.56 1.72 11.90
CA ASP A 149 10.55 0.74 11.50
C ASP A 149 11.66 1.55 10.85
N LYS A 150 12.90 1.14 11.09
CA LYS A 150 14.06 1.80 10.48
C LYS A 150 14.46 1.18 9.14
N LYS A 151 13.93 0.00 8.84
CA LYS A 151 14.15 -0.63 7.54
C LYS A 151 12.79 -1.08 7.04
N GLY A 152 12.69 -1.15 5.73
CA GLY A 152 11.47 -1.53 5.03
C GLY A 152 11.88 -2.20 3.74
N GLY A 153 10.90 -2.44 2.87
CA GLY A 153 11.16 -3.06 1.59
C GLY A 153 9.95 -3.83 1.13
N PHE A 154 10.16 -4.71 0.15
CA PHE A 154 9.07 -5.51 -0.42
C PHE A 154 9.52 -6.96 -0.59
N SER A 155 8.52 -7.80 -0.74
CA SER A 155 8.69 -9.23 -0.92
C SER A 155 7.84 -9.65 -2.11
N ILE A 156 8.36 -10.61 -2.87
CA ILE A 156 7.52 -11.34 -3.81
CA ILE A 156 7.57 -11.34 -3.85
C ILE A 156 7.47 -12.77 -3.33
N PHE A 157 6.26 -13.30 -3.18
CA PHE A 157 6.13 -14.58 -2.51
C PHE A 157 5.13 -15.49 -3.18
N TRP A 158 5.30 -16.78 -2.92
CA TRP A 158 4.46 -17.81 -3.50
C TRP A 158 3.19 -17.95 -2.68
N ALA A 159 2.02 -17.75 -3.28
CA ALA A 159 0.76 -17.83 -2.51
C ALA A 159 0.57 -19.23 -1.99
N ASP A 160 0.16 -19.32 -0.74
CA ASP A 160 -0.31 -20.58 -0.17
C ASP A 160 -1.69 -20.35 0.46
N ASP A 161 -2.20 -21.30 1.21
CA ASP A 161 -3.56 -21.14 1.77
C ASP A 161 -3.67 -20.23 2.99
N GLY A 162 -2.56 -19.63 3.41
CA GLY A 162 -2.59 -18.64 4.48
C GLY A 162 -2.55 -17.22 3.95
N LEU A 163 -2.72 -16.25 4.85
CA LEU A 163 -2.67 -14.86 4.48
C LEU A 163 -1.21 -14.36 4.61
N ASP A 164 -0.57 -14.21 3.46
CA ASP A 164 0.78 -13.62 3.39
C ASP A 164 1.82 -14.45 4.14
N THR A 165 1.60 -15.76 4.21
CA THR A 165 2.49 -16.73 4.85
C THR A 165 3.38 -17.56 3.89
N GLY A 166 3.15 -17.45 2.59
CA GLY A 166 3.77 -18.28 1.58
C GLY A 166 5.27 -18.07 1.50
N ASP A 167 6.00 -19.07 1.00
CA ASP A 167 7.47 -18.94 0.83
C ASP A 167 7.82 -17.75 -0.03
N LEU A 168 8.91 -17.08 0.34
CA LEU A 168 9.41 -15.95 -0.44
C LEU A 168 10.09 -16.43 -1.71
N LEU A 169 9.98 -15.61 -2.75
CA LEU A 169 10.70 -15.81 -3.98
C LEU A 169 11.90 -14.85 -3.95
N LEU A 170 11.64 -13.58 -3.68
CA LEU A 170 12.72 -12.64 -3.41
C LEU A 170 12.24 -11.50 -2.49
N GLN A 171 13.18 -10.80 -1.89
CA GLN A 171 12.90 -9.69 -0.96
C GLN A 171 14.02 -8.68 -1.09
N LYS A 172 13.66 -7.41 -1.09
CA LYS A 172 14.64 -6.32 -1.13
C LYS A 172 14.35 -5.34 -0.03
N GLU A 173 15.43 -4.86 0.60
CA GLU A 173 15.29 -3.96 1.75
CA GLU A 173 15.34 -3.99 1.76
C GLU A 173 15.75 -2.56 1.42
N CYS A 174 15.20 -1.58 2.14
CA CYS A 174 15.67 -0.20 2.05
C CYS A 174 15.61 0.44 3.43
N GLU A 175 16.43 1.46 3.63
CA GLU A 175 16.44 2.24 4.86
C GLU A 175 15.17 3.08 4.88
N VAL A 176 14.55 3.24 6.06
CA VAL A 176 13.41 4.11 6.23
C VAL A 176 13.93 5.36 6.93
N LEU A 177 13.59 6.52 6.38
CA LEU A 177 14.09 7.79 6.93
C LEU A 177 13.06 8.40 7.89
N PRO A 178 13.53 9.22 8.85
CA PRO A 178 12.67 9.74 9.93
C PRO A 178 11.37 10.44 9.52
N ASP A 179 11.36 11.11 8.37
CA ASP A 179 10.17 11.81 7.87
C ASP A 179 9.52 11.13 6.64
N ASP A 180 9.99 9.94 6.28
CA ASP A 180 9.32 9.18 5.20
C ASP A 180 7.81 9.05 5.43
N THR A 181 7.05 9.16 4.34
CA THR A 181 5.63 8.91 4.37
C THR A 181 5.34 7.65 3.56
N VAL A 182 4.10 7.20 3.61
CA VAL A 182 3.67 6.07 2.76
C VAL A 182 3.99 6.41 1.31
N SER A 183 3.58 7.61 0.88
CA SER A 183 3.80 8.00 -0.49
C SER A 183 5.28 8.14 -0.85
N THR A 184 6.13 8.70 0.03
CA THR A 184 7.52 8.88 -0.39
C THR A 184 8.26 7.54 -0.45
N LEU A 185 8.04 6.68 0.52
CA LEU A 185 8.69 5.39 0.56
C LEU A 185 8.26 4.55 -0.63
N TYR A 186 6.97 4.60 -0.94
CA TYR A 186 6.48 3.94 -2.16
C TYR A 186 7.16 4.48 -3.42
N ASN A 187 7.08 5.80 -3.67
CA ASN A 187 7.58 6.32 -4.93
C ASN A 187 9.08 6.22 -5.06
N ARG A 188 9.81 6.26 -3.94
CA ARG A 188 11.29 6.20 -3.96
CA ARG A 188 11.26 6.23 -4.08
C ARG A 188 11.81 4.81 -4.22
N PHE A 189 11.13 3.82 -3.65
CA PHE A 189 11.64 2.43 -3.65
C PHE A 189 10.65 1.33 -3.94
N LEU A 190 9.57 1.25 -3.18
CA LEU A 190 8.70 0.09 -3.26
C LEU A 190 8.02 -0.05 -4.61
N PHE A 191 7.68 1.08 -5.24
CA PHE A 191 7.17 1.12 -6.63
C PHE A 191 8.25 0.76 -7.69
N PRO A 192 9.30 1.55 -7.83
CA PRO A 192 10.21 1.29 -8.92
C PRO A 192 10.97 -0.02 -8.78
N GLU A 193 11.45 -0.31 -7.57
CA GLU A 193 12.15 -1.56 -7.33
C GLU A 193 11.21 -2.73 -7.25
N GLY A 194 9.96 -2.52 -6.79
CA GLY A 194 8.96 -3.57 -6.75
C GLY A 194 8.59 -4.06 -8.13
N ILE A 195 8.41 -3.12 -9.08
CA ILE A 195 8.14 -3.49 -10.46
C ILE A 195 9.28 -4.35 -11.02
N LYS A 196 10.53 -3.90 -10.86
CA LYS A 196 11.72 -4.63 -11.31
C LYS A 196 11.73 -6.03 -10.69
N GLY A 197 11.41 -6.08 -9.41
CA GLY A 197 11.42 -7.32 -8.64
C GLY A 197 10.42 -8.33 -9.18
N MET A 198 9.20 -7.87 -9.49
CA MET A 198 8.18 -8.76 -10.05
CA MET A 198 8.19 -8.77 -10.03
C MET A 198 8.59 -9.28 -11.42
N VAL A 199 9.14 -8.40 -12.23
CA VAL A 199 9.66 -8.77 -13.55
C VAL A 199 10.76 -9.82 -13.40
N GLN A 200 11.70 -9.57 -12.49
CA GLN A 200 12.79 -10.54 -12.20
C GLN A 200 12.27 -11.89 -11.76
N ALA A 201 11.27 -11.88 -10.88
CA ALA A 201 10.62 -13.09 -10.45
C ALA A 201 10.00 -13.90 -11.59
N VAL A 202 9.29 -13.23 -12.47
CA VAL A 202 8.70 -13.96 -13.59
C VAL A 202 9.79 -14.55 -14.50
N ARG A 203 10.87 -13.79 -14.69
CA ARG A 203 11.99 -14.30 -15.47
C ARG A 203 12.52 -15.58 -14.83
N LEU A 204 12.72 -15.56 -13.52
CA LEU A 204 13.24 -16.78 -12.84
C LEU A 204 12.31 -17.98 -13.02
N ILE A 205 11.00 -17.73 -12.88
CA ILE A 205 10.02 -18.78 -13.10
C ILE A 205 10.05 -19.30 -14.52
N ALA A 206 10.12 -18.39 -15.49
CA ALA A 206 10.22 -18.76 -16.92
C ALA A 206 11.46 -19.67 -17.18
N GLU A 207 12.55 -19.38 -16.49
CA GLU A 207 13.82 -20.13 -16.60
C GLU A 207 13.87 -21.39 -15.76
N GLY A 208 12.83 -21.65 -14.98
CA GLY A 208 12.83 -22.76 -14.04
C GLY A 208 13.80 -22.61 -12.89
N LYS A 209 14.12 -21.37 -12.50
CA LYS A 209 15.14 -21.09 -11.46
C LYS A 209 14.62 -20.29 -10.28
N ALA A 210 13.31 -20.23 -10.10
CA ALA A 210 12.78 -19.43 -9.00
C ALA A 210 13.02 -20.10 -7.62
N PRO A 211 13.60 -19.33 -6.68
CA PRO A 211 13.80 -19.82 -5.31
C PRO A 211 12.53 -19.90 -4.48
N ARG A 212 12.57 -20.70 -3.44
CA ARG A 212 11.56 -20.74 -2.40
C ARG A 212 12.26 -20.61 -1.08
N LEU A 213 11.96 -19.53 -0.35
CA LEU A 213 12.60 -19.20 0.92
C LEU A 213 11.49 -19.10 1.99
N PRO A 214 11.26 -20.17 2.77
CA PRO A 214 10.20 -20.17 3.79
C PRO A 214 10.33 -19.01 4.75
N GLN A 215 9.20 -18.40 5.09
CA GLN A 215 9.21 -17.30 6.03
C GLN A 215 9.53 -17.81 7.43
N PRO A 216 10.46 -17.14 8.11
CA PRO A 216 10.69 -17.48 9.50
C PRO A 216 9.48 -17.08 10.36
N GLU A 217 9.29 -17.74 11.49
CA GLU A 217 8.28 -17.37 12.52
C GLU A 217 8.64 -16.10 13.27
N GLU A 218 9.93 -15.98 13.58
CA GLU A 218 10.42 -14.83 14.35
C GLU A 218 10.14 -13.49 13.68
N GLY A 219 9.53 -12.60 14.44
CA GLY A 219 9.25 -11.25 14.01
C GLY A 219 7.99 -11.12 13.16
N ALA A 220 7.18 -12.17 13.06
CA ALA A 220 5.97 -12.07 12.25
C ALA A 220 4.97 -11.15 12.96
N THR A 221 4.33 -10.29 12.19
CA THR A 221 3.27 -9.40 12.69
C THR A 221 2.18 -9.35 11.65
N TYR A 222 0.97 -9.02 12.10
CA TYR A 222 -0.18 -8.91 11.18
C TYR A 222 -0.98 -7.66 11.48
N GLU A 223 -1.36 -6.95 10.43
CA GLU A 223 -2.33 -5.85 10.51
C GLU A 223 -3.25 -5.91 9.29
N GLY A 224 -4.49 -5.47 9.46
CA GLY A 224 -5.43 -5.37 8.36
C GLY A 224 -5.50 -4.00 7.69
N ILE A 225 -6.54 -3.85 6.88
CA ILE A 225 -6.63 -2.69 6.01
C ILE A 225 -6.83 -1.45 6.83
N GLN A 226 -6.24 -0.37 6.37
CA GLN A 226 -6.32 0.90 7.04
C GLN A 226 -7.19 1.83 6.19
N LYS A 227 -8.45 1.87 6.54
CA LYS A 227 -9.44 2.73 5.90
C LYS A 227 -9.37 4.07 6.61
N LYS A 228 -9.95 5.10 5.99
CA LYS A 228 -9.97 6.44 6.58
C LYS A 228 -10.40 6.39 8.04
N GLU A 229 -11.46 5.64 8.36
CA GLU A 229 -11.99 5.67 9.73
C GLU A 229 -10.97 5.29 10.81
N THR A 230 -10.14 4.28 10.55
CA THR A 230 -9.16 3.86 11.55
C THR A 230 -7.87 4.65 11.53
N ALA A 231 -7.81 5.69 10.68
CA ALA A 231 -6.69 6.62 10.65
C ALA A 231 -6.86 7.82 11.60
N LYS A 232 -7.93 7.80 12.38
CA LYS A 232 -8.17 8.84 13.37
C LYS A 232 -7.01 8.93 14.37
N ILE A 233 -6.57 10.14 14.68
CA ILE A 233 -5.43 10.32 15.56
C ILE A 233 -5.79 10.07 17.03
N ASN A 234 -4.98 9.27 17.71
CA ASN A 234 -5.01 9.12 19.15
C ASN A 234 -3.94 10.05 19.72
N TRP A 235 -4.42 11.10 20.38
CA TRP A 235 -3.55 12.13 20.92
C TRP A 235 -2.81 11.75 22.19
N ASP A 236 -3.15 10.59 22.79
CA ASP A 236 -2.58 10.18 24.08
C ASP A 236 -1.34 9.31 23.84
N GLN A 237 -0.38 9.90 23.13
CA GLN A 237 0.85 9.21 22.80
C GLN A 237 1.95 10.25 22.71
N PRO A 238 3.22 9.82 22.81
CA PRO A 238 4.31 10.77 22.62
C PRO A 238 4.35 11.40 21.22
N ALA A 239 4.94 12.59 21.11
CA ALA A 239 5.07 13.27 19.82
C ALA A 239 5.62 12.37 18.70
N GLU A 240 6.63 11.56 19.02
CA GLU A 240 7.26 10.70 18.00
C GLU A 240 6.25 9.69 17.43
N ALA A 241 5.40 9.15 18.30
CA ALA A 241 4.43 8.15 17.86
C ALA A 241 3.38 8.85 16.98
N ILE A 242 2.98 10.06 17.38
CA ILE A 242 1.96 10.80 16.61
C ILE A 242 2.52 11.14 15.22
N HIS A 243 3.76 11.61 15.18
CA HIS A 243 4.48 11.85 13.90
C HIS A 243 4.48 10.58 13.02
N ASN A 244 4.79 9.46 13.63
CA ASN A 244 4.81 8.18 12.88
C ASN A 244 3.41 7.81 12.40
N TRP A 245 2.38 8.13 13.21
CA TRP A 245 1.00 7.88 12.81
C TRP A 245 0.62 8.74 11.61
N ILE A 246 0.98 10.01 11.67
CA ILE A 246 0.62 10.92 10.60
C ILE A 246 1.33 10.54 9.31
N ARG A 247 2.65 10.32 9.39
CA ARG A 247 3.39 10.01 8.16
C ARG A 247 3.03 8.61 7.63
N GLY A 248 2.66 7.73 8.53
CA GLY A 248 2.30 6.36 8.18
C GLY A 248 0.90 6.25 7.62
N ASN A 249 0.21 7.38 7.49
CA ASN A 249 -1.08 7.46 6.80
C ASN A 249 -1.12 8.49 5.73
N ASP A 250 0.07 8.95 5.30
CA ASP A 250 0.25 10.09 4.40
C ASP A 250 0.81 9.55 3.07
N LYS A 251 0.08 9.64 1.96
CA LYS A 251 -1.14 10.44 1.82
C LYS A 251 -2.42 9.64 2.01
N VAL A 252 -2.34 8.31 1.93
CA VAL A 252 -3.54 7.47 2.00
C VAL A 252 -3.55 6.62 3.28
N PRO A 253 -4.68 6.61 4.05
CA PRO A 253 -5.94 7.31 3.85
C PRO A 253 -6.00 8.71 4.46
N GLY A 254 -4.96 9.11 5.21
CA GLY A 254 -4.86 10.47 5.70
C GLY A 254 -5.30 10.50 7.15
N ALA A 255 -4.36 10.71 8.05
CA ALA A 255 -4.63 10.76 9.48
C ALA A 255 -5.38 12.02 9.76
N TRP A 256 -6.36 11.93 10.66
CA TRP A 256 -7.30 13.02 10.88
C TRP A 256 -7.77 13.18 12.33
N THR A 257 -8.41 14.31 12.57
CA THR A 257 -8.98 14.63 13.87
C THR A 257 -10.07 15.64 13.66
N GLU A 258 -10.86 15.89 14.71
CA GLU A 258 -11.83 16.97 14.73
C GLU A 258 -11.21 18.18 15.37
N ALA A 259 -11.34 19.32 14.72
CA ALA A 259 -10.88 20.59 15.28
C ALA A 259 -11.70 21.70 14.63
N CYS A 260 -11.97 22.76 15.37
CA CYS A 260 -12.83 23.84 14.87
C CYS A 260 -14.04 23.26 14.15
N GLU A 261 -14.72 22.32 14.80
CA GLU A 261 -15.98 21.77 14.29
C GLU A 261 -15.91 21.18 12.88
N GLN A 262 -14.77 20.64 12.49
CA GLN A 262 -14.69 19.89 11.24
C GLN A 262 -13.61 18.81 11.28
N LYS A 263 -13.63 17.95 10.28
CA LYS A 263 -12.66 16.87 10.20
C LYS A 263 -11.47 17.34 9.38
N LEU A 264 -10.32 17.45 10.04
CA LEU A 264 -9.09 17.93 9.42
C LEU A 264 -8.14 16.77 9.24
N THR A 265 -7.52 16.69 8.07
CA THR A 265 -6.56 15.67 7.78
C THR A 265 -5.19 16.33 7.74
N PHE A 266 -4.19 15.68 8.34
CA PHE A 266 -2.87 16.28 8.49
C PHE A 266 -1.87 15.53 7.63
N PHE A 267 -1.03 16.28 6.92
CA PHE A 267 0.02 15.76 6.07
C PHE A 267 1.38 16.47 6.30
N ASN A 268 2.44 15.81 5.82
CA ASN A 268 3.81 16.37 5.83
C ASN A 268 4.24 16.83 7.22
N SER A 269 4.32 15.84 8.11
CA SER A 269 4.79 15.98 9.50
C SER A 269 6.31 15.86 9.53
N THR A 270 6.90 16.55 10.51
CA THR A 270 8.30 16.43 10.85
C THR A 270 8.48 16.56 12.37
N LEU A 271 9.50 15.87 12.92
CA LEU A 271 9.99 16.08 14.28
C LEU A 271 11.11 17.11 14.35
N ASN A 272 11.56 17.63 13.20
CA ASN A 272 12.52 18.73 13.19
C ASN A 272 11.79 20.01 13.60
N THR A 273 11.87 20.34 14.87
CA THR A 273 11.22 21.54 15.35
C THR A 273 12.24 22.52 15.87
N SER A 274 13.47 22.43 15.34
CA SER A 274 14.53 23.34 15.68
C SER A 274 14.16 24.81 15.50
N GLY A 275 14.32 25.59 16.57
CA GLY A 275 14.07 27.03 16.55
C GLY A 275 12.62 27.44 16.65
N LEU A 276 11.70 26.47 16.76
CA LEU A 276 10.29 26.80 16.77
C LEU A 276 9.84 27.20 18.15
N VAL A 277 8.95 28.17 18.20
CA VAL A 277 8.30 28.52 19.48
C VAL A 277 6.78 28.42 19.34
N PRO A 278 6.10 27.95 20.39
CA PRO A 278 4.68 27.72 20.30
C PRO A 278 3.86 29.00 20.47
N GLU A 279 4.08 29.97 19.60
CA GLU A 279 3.33 31.22 19.63
C GLU A 279 2.56 31.33 18.33
N GLY A 280 1.30 31.72 18.41
CA GLY A 280 0.50 31.84 17.20
C GLY A 280 -0.97 31.89 17.52
N ASP A 281 -1.75 31.17 16.73
CA ASP A 281 -3.18 31.16 16.86
C ASP A 281 -3.50 29.77 17.34
N ALA A 282 -4.19 29.65 18.48
CA ALA A 282 -4.52 28.31 18.98
C ALA A 282 -5.43 27.58 18.00
N LEU A 283 -5.24 26.27 17.94
CA LEU A 283 -6.12 25.35 17.26
C LEU A 283 -6.54 24.35 18.32
N PRO A 284 -7.74 24.52 18.87
CA PRO A 284 -8.27 23.62 19.90
C PRO A 284 -8.60 22.27 19.28
N ILE A 285 -8.07 21.21 19.85
CA ILE A 285 -8.28 19.86 19.33
C ILE A 285 -8.86 19.01 20.46
N PRO A 286 -10.17 18.74 20.41
CA PRO A 286 -10.75 17.86 21.43
C PRO A 286 -9.97 16.56 21.59
N GLY A 287 -9.59 16.27 22.83
CA GLY A 287 -8.88 15.03 23.15
C GLY A 287 -7.38 15.16 23.22
N ALA A 288 -6.83 16.26 22.71
CA ALA A 288 -5.36 16.43 22.71
C ALA A 288 -4.83 16.92 24.05
N HIS A 289 -3.56 16.63 24.33
CA HIS A 289 -2.93 17.00 25.61
C HIS A 289 -2.78 18.53 25.75
N ARG A 290 -2.61 19.20 24.61
CA ARG A 290 -2.46 20.65 24.48
C ARG A 290 -3.09 21.06 23.17
N PRO A 291 -3.55 22.33 23.08
CA PRO A 291 -3.96 22.84 21.79
C PRO A 291 -2.82 22.83 20.79
N GLY A 292 -3.17 22.78 19.50
CA GLY A 292 -2.21 23.04 18.44
C GLY A 292 -1.97 24.55 18.36
N VAL A 293 -0.88 24.95 17.73
CA VAL A 293 -0.59 26.34 17.46
C VAL A 293 -0.25 26.49 15.97
N VAL A 294 -1.03 27.32 15.30
CA VAL A 294 -0.75 27.67 13.91
C VAL A 294 0.30 28.79 13.94
N THR A 295 1.44 28.50 13.33
CA THR A 295 2.57 29.42 13.19
C THR A 295 2.93 29.56 11.72
N LYS A 296 3.79 30.52 11.38
CA LYS A 296 4.23 30.69 10.01
C LYS A 296 4.97 29.46 9.46
N ALA A 297 5.50 28.62 10.35
CA ALA A 297 6.16 27.37 9.97
C ALA A 297 5.18 26.24 9.71
N GLY A 298 3.94 26.37 10.16
CA GLY A 298 2.95 25.27 10.14
C GLY A 298 2.26 25.04 11.48
N LEU A 299 1.61 23.89 11.61
CA LEU A 299 0.86 23.54 12.80
C LEU A 299 1.74 22.79 13.76
N ILE A 300 2.11 23.45 14.84
CA ILE A 300 2.74 22.80 15.98
C ILE A 300 1.72 21.98 16.76
N LEU A 301 2.04 20.72 17.00
CA LEU A 301 1.24 19.83 17.86
C LEU A 301 2.10 19.28 18.98
N PHE A 302 1.47 19.00 20.12
CA PHE A 302 2.13 18.41 21.26
C PHE A 302 1.66 16.99 21.51
N GLY A 303 2.60 16.14 21.84
CA GLY A 303 2.31 14.79 22.32
C GLY A 303 2.04 14.82 23.80
N ASN A 304 1.69 13.65 24.35
CA ASN A 304 1.43 13.55 25.77
C ASN A 304 2.70 13.66 26.64
N ASP A 305 3.84 13.83 25.96
CA ASP A 305 5.15 14.07 26.60
C ASP A 305 5.56 15.55 26.53
N ASP A 306 4.64 16.40 26.09
CA ASP A 306 4.92 17.83 25.87
C ASP A 306 6.02 18.10 24.88
N LYS A 307 6.34 17.12 24.03
CA LYS A 307 7.26 17.35 22.92
C LYS A 307 6.48 17.73 21.67
N MET A 308 7.16 18.42 20.76
CA MET A 308 6.51 19.03 19.60
C MET A 308 6.67 18.20 18.32
N LEU A 309 5.65 18.25 17.46
CA LEU A 309 5.81 17.83 16.06
C LEU A 309 5.19 18.98 15.26
N LEU A 310 5.51 19.03 13.97
CA LEU A 310 5.10 20.12 13.09
C LEU A 310 4.47 19.50 11.85
N VAL A 311 3.23 19.91 11.60
CA VAL A 311 2.48 19.54 10.42
C VAL A 311 2.45 20.71 9.45
N LYS A 312 2.83 20.43 8.21
CA LYS A 312 3.02 21.49 7.22
C LYS A 312 1.81 21.69 6.31
N ASN A 313 0.93 20.70 6.19
CA ASN A 313 -0.25 20.83 5.31
C ASN A 313 -1.49 20.27 5.97
N ILE A 314 -2.63 20.88 5.66
CA ILE A 314 -3.91 20.44 6.15
C ILE A 314 -4.89 20.35 4.98
N GLN A 315 -5.57 19.22 4.88
CA GLN A 315 -6.69 19.04 3.98
C GLN A 315 -7.98 19.28 4.75
N LEU A 316 -8.80 20.17 4.26
CA LEU A 316 -10.06 20.49 4.94
C LEU A 316 -11.10 19.41 4.59
N GLU A 317 -12.19 19.36 5.35
CA GLU A 317 -13.18 18.30 5.19
C GLU A 317 -13.75 18.28 3.77
N ASP A 318 -13.81 19.45 3.14
CA ASP A 318 -14.35 19.61 1.79
C ASP A 318 -13.33 19.27 0.69
N GLY A 319 -12.12 18.88 1.09
CA GLY A 319 -11.11 18.37 0.17
C GLY A 319 -10.02 19.36 -0.20
N LYS A 320 -10.21 20.64 0.14
CA LYS A 320 -9.20 21.65 -0.15
C LYS A 320 -7.91 21.46 0.67
N MET A 321 -6.79 21.36 -0.05
CA MET A 321 -5.47 21.28 0.54
C MET A 321 -4.91 22.68 0.80
N ILE A 322 -4.41 22.92 2.01
CA ILE A 322 -3.80 24.20 2.35
C ILE A 322 -2.49 24.00 3.08
N LEU A 323 -1.65 25.03 3.08
CA LEU A 323 -0.54 25.14 4.03
C LEU A 323 -1.13 25.35 5.41
N ALA A 324 -0.61 24.60 6.37
CA ALA A 324 -1.14 24.69 7.73
C ALA A 324 -1.04 26.10 8.29
N SER A 325 0.03 26.82 7.88
CA SER A 325 0.29 28.19 8.34
C SER A 325 -0.79 29.19 7.90
N ASN A 326 -1.57 28.80 6.90
CA ASN A 326 -2.64 29.61 6.34
C ASN A 326 -4.04 29.19 6.81
N PHE A 327 -4.10 28.34 7.84
CA PHE A 327 -5.40 27.83 8.30
C PHE A 327 -6.40 28.88 8.69
N PHE A 328 -5.93 29.94 9.36
CA PHE A 328 -6.79 31.07 9.79
C PHE A 328 -6.63 32.24 8.81
N LYS A 329 -6.02 31.95 7.67
CA LYS A 329 -5.63 32.90 6.61
C LYS A 329 -4.32 33.63 6.98
#